data_2OZZ
#
_entry.id   2OZZ
#
_cell.length_a   47.270
_cell.length_b   62.550
_cell.length_c   170.192
_cell.angle_alpha   90.00
_cell.angle_beta   90.00
_cell.angle_gamma   90.00
#
_symmetry.space_group_name_H-M   'P 21 21 21'
#
loop_
_entity.id
_entity.type
_entity.pdbx_description
1 polymer 'Hypothetical protein yhfZ'
2 non-polymer 'SULFATE ION'
3 water water
#
_entity_poly.entity_id   1
_entity_poly.type   'polypeptide(L)'
_entity_poly.pdbx_seq_one_letter_code
;SNA(MSE)DNKALLSHVDINNVVCA(MSE)PLPYTRLYEGLASGLKAQFDGIPFYYAH(MSE)RGADIRVECLLNGVYD
(MSE)AVVSRLAAESYLSQNNLCIALELGPHTYVGEHQLICRKGESGNVKRVGLDSRSADQKI(MSE)TDVFFGDSDVER
VDLSYHESLQRIVKGDVDAVIWNVVAENELT(MSE)LGLEATPLTDDPRFLQATEAVVLTRVDDYP(MSE)QQLLRAVVD
KHALLAHQQRVVSGEQEPSY
;
_entity_poly.pdbx_strand_id   A,B
#
loop_
_chem_comp.id
_chem_comp.type
_chem_comp.name
_chem_comp.formula
SO4 non-polymer 'SULFATE ION' 'O4 S -2'
#
# COMPACT_ATOMS: atom_id res chain seq x y z
N SER A 1 -4.04 -29.76 3.37
CA SER A 1 -4.46 -30.45 4.64
C SER A 1 -4.79 -29.41 5.73
N ASN A 2 -3.74 -28.78 6.26
CA ASN A 2 -3.82 -27.52 7.00
C ASN A 2 -4.70 -26.53 6.20
N ALA A 3 -4.40 -26.38 4.92
CA ALA A 3 -5.24 -25.59 4.02
C ALA A 3 -6.71 -26.06 3.95
N MSE A 4 -6.92 -27.36 3.75
CA MSE A 4 -8.28 -27.90 3.60
C MSE A 4 -9.04 -27.89 4.91
O MSE A 4 -10.25 -27.68 4.92
CB MSE A 4 -8.25 -29.34 3.00
CG MSE A 4 -7.99 -29.39 1.47
SE MSE A 4 -9.36 -28.45 0.39
CE MSE A 4 -10.90 -29.70 0.66
N ASP A 5 -8.31 -28.10 6.00
CA ASP A 5 -8.84 -27.88 7.35
C ASP A 5 -9.31 -26.43 7.57
N ASN A 6 -8.54 -25.48 7.03
CA ASN A 6 -8.95 -24.07 7.03
C ASN A 6 -10.15 -23.81 6.16
N LYS A 7 -10.17 -24.38 4.96
CA LYS A 7 -11.27 -24.15 4.00
C LYS A 7 -12.61 -24.61 4.59
N ALA A 8 -12.59 -25.83 5.15
CA ALA A 8 -13.67 -26.38 5.98
C ALA A 8 -14.24 -25.46 7.09
N LEU A 9 -13.42 -24.64 7.74
CA LEU A 9 -13.92 -23.68 8.74
C LEU A 9 -14.74 -22.57 8.11
N LEU A 10 -14.29 -22.11 6.94
CA LEU A 10 -14.91 -21.01 6.20
C LEU A 10 -16.32 -21.39 5.73
N SER A 11 -16.48 -22.68 5.46
N SER A 11 -16.48 -22.68 5.41
CA SER A 11 -17.75 -23.27 5.07
CA SER A 11 -17.77 -23.26 5.09
C SER A 11 -18.86 -23.08 6.11
C SER A 11 -18.87 -22.93 6.10
N HIS A 12 -18.49 -22.85 7.37
CA HIS A 12 -19.45 -22.74 8.46
C HIS A 12 -19.53 -21.35 9.07
N VAL A 13 -18.89 -20.39 8.41
CA VAL A 13 -19.02 -18.99 8.78
C VAL A 13 -19.47 -18.15 7.57
N ASP A 14 -20.28 -17.13 7.85
CA ASP A 14 -20.80 -16.19 6.86
C ASP A 14 -19.72 -15.20 6.40
N ILE A 15 -18.49 -15.70 6.24
CA ILE A 15 -17.34 -14.89 5.84
C ILE A 15 -16.91 -15.42 4.48
N ASN A 16 -16.93 -14.57 3.47
CA ASN A 16 -16.39 -14.91 2.17
C ASN A 16 -14.87 -14.71 2.15
N ASN A 17 -14.48 -13.47 1.87
CA ASN A 17 -13.12 -12.99 2.02
C ASN A 17 -12.82 -12.53 3.47
N VAL A 18 -11.55 -12.51 3.83
CA VAL A 18 -11.17 -11.91 5.06
C VAL A 18 -10.30 -10.74 4.59
N VAL A 19 -10.67 -9.53 4.99
CA VAL A 19 -9.83 -8.37 4.63
C VAL A 19 -9.17 -7.78 5.85
N CYS A 20 -7.84 -7.73 5.81
CA CYS A 20 -7.06 -7.26 6.95
C CYS A 20 -6.40 -5.92 6.66
N ALA A 21 -6.67 -4.90 7.48
CA ALA A 21 -5.99 -3.60 7.32
C ALA A 21 -4.63 -3.56 8.06
N MSE A 22 -3.60 -3.04 7.41
CA MSE A 22 -2.29 -2.98 8.00
C MSE A 22 -1.52 -1.84 7.36
O MSE A 22 -1.95 -1.33 6.34
CB MSE A 22 -1.56 -4.33 7.80
CG MSE A 22 -1.01 -4.60 6.42
SE MSE A 22 0.26 -6.11 6.61
CE MSE A 22 1.89 -5.08 7.12
N PRO A 23 -0.38 -1.42 7.95
CA PRO A 23 0.41 -0.37 7.33
C PRO A 23 0.89 -0.72 5.94
N LEU A 24 1.35 0.29 5.22
CA LEU A 24 2.04 0.07 3.97
C LEU A 24 3.28 -0.69 4.30
N PRO A 25 3.57 -1.70 3.47
CA PRO A 25 4.53 -2.75 3.83
C PRO A 25 5.97 -2.29 3.51
N TYR A 26 6.38 -1.19 4.14
CA TYR A 26 7.64 -0.52 3.78
C TYR A 26 8.88 -0.86 4.60
N THR A 27 8.80 -1.86 5.48
CA THR A 27 9.98 -2.45 6.13
C THR A 27 9.98 -3.97 5.92
N ARG A 28 11.15 -4.60 5.93
CA ARG A 28 11.24 -6.07 5.89
C ARG A 28 10.49 -6.73 7.08
N LEU A 29 10.52 -6.11 8.25
CA LEU A 29 9.71 -6.57 9.37
C LEU A 29 8.19 -6.58 9.09
N TYR A 30 7.66 -5.50 8.50
CA TYR A 30 6.23 -5.43 8.08
C TYR A 30 5.92 -6.51 7.05
N GLU A 31 6.85 -6.70 6.12
CA GLU A 31 6.70 -7.75 5.11
C GLU A 31 6.65 -9.16 5.72
N GLY A 32 7.51 -9.46 6.69
CA GLY A 32 7.53 -10.76 7.33
C GLY A 32 6.30 -11.03 8.15
N LEU A 33 5.82 -9.98 8.83
CA LEU A 33 4.59 -10.05 9.56
C LEU A 33 3.44 -10.29 8.58
N ALA A 34 3.40 -9.49 7.52
CA ALA A 34 2.37 -9.61 6.50
C ALA A 34 2.37 -11.00 5.86
N SER A 35 3.55 -11.47 5.49
CA SER A 35 3.72 -12.78 4.90
C SER A 35 3.40 -13.93 5.89
N GLY A 36 3.88 -13.81 7.12
CA GLY A 36 3.64 -14.86 8.13
C GLY A 36 2.15 -14.98 8.46
N LEU A 37 1.46 -13.86 8.61
CA LEU A 37 0.05 -13.90 8.95
C LEU A 37 -0.79 -14.48 7.81
N LYS A 38 -0.57 -14.02 6.58
CA LYS A 38 -1.33 -14.57 5.44
C LYS A 38 -1.12 -16.08 5.27
N ALA A 39 0.11 -16.54 5.50
CA ALA A 39 0.41 -17.98 5.46
C ALA A 39 -0.46 -18.79 6.43
N GLN A 40 -0.89 -18.18 7.52
CA GLN A 40 -1.71 -18.87 8.50
C GLN A 40 -3.12 -19.07 7.96
N PHE A 41 -3.45 -18.36 6.87
CA PHE A 41 -4.77 -18.38 6.27
C PHE A 41 -4.87 -19.20 4.98
N ASP A 42 -3.89 -20.04 4.75
CA ASP A 42 -3.95 -20.99 3.64
C ASP A 42 -5.30 -21.67 3.54
N GLY A 43 -5.91 -21.55 2.36
CA GLY A 43 -7.18 -22.17 2.09
C GLY A 43 -8.34 -21.23 2.31
N ILE A 44 -8.03 -19.97 2.65
CA ILE A 44 -9.06 -18.95 2.92
C ILE A 44 -8.71 -17.70 2.13
N PRO A 45 -9.69 -17.16 1.38
CA PRO A 45 -9.37 -15.94 0.63
C PRO A 45 -9.00 -14.82 1.59
N PHE A 46 -7.75 -14.40 1.59
CA PHE A 46 -7.28 -13.45 2.59
C PHE A 46 -6.53 -12.36 1.89
N TYR A 47 -6.84 -11.11 2.18
CA TYR A 47 -6.22 -9.98 1.50
C TYR A 47 -5.90 -8.85 2.42
N TYR A 48 -4.79 -8.18 2.10
CA TYR A 48 -4.41 -7.00 2.86
C TYR A 48 -4.92 -5.75 2.15
N ALA A 49 -5.44 -4.83 2.94
CA ALA A 49 -5.69 -3.44 2.59
C ALA A 49 -4.61 -2.66 3.30
N HIS A 50 -3.73 -2.01 2.57
CA HIS A 50 -2.63 -1.27 3.21
C HIS A 50 -3.05 0.17 3.35
N MSE A 51 -3.14 0.65 4.59
CA MSE A 51 -3.77 1.91 4.86
C MSE A 51 -2.94 2.67 5.88
O MSE A 51 -2.71 2.19 6.98
CB MSE A 51 -5.20 1.63 5.35
CG MSE A 51 -5.96 2.83 5.79
SE MSE A 51 -7.86 2.53 5.99
CE MSE A 51 -8.46 3.74 4.59
N ARG A 52 -2.45 3.85 5.52
CA ARG A 52 -1.59 4.62 6.45
C ARG A 52 -2.41 5.18 7.62
N GLY A 53 -1.88 5.04 8.83
CA GLY A 53 -2.51 5.58 10.01
C GLY A 53 -3.28 4.55 10.77
N ALA A 54 -2.81 4.22 11.96
CA ALA A 54 -3.51 3.32 12.88
C ALA A 54 -4.96 3.74 13.21
N ASP A 55 -5.16 5.05 13.43
CA ASP A 55 -6.49 5.61 13.81
C ASP A 55 -7.55 5.26 12.79
N ILE A 56 -7.30 5.55 11.52
CA ILE A 56 -8.26 5.27 10.44
C ILE A 56 -8.52 3.78 10.15
N ARG A 57 -7.48 2.94 10.27
CA ARG A 57 -7.69 1.50 10.20
C ARG A 57 -8.66 1.07 11.27
N VAL A 58 -8.48 1.57 12.49
CA VAL A 58 -9.38 1.17 13.62
C VAL A 58 -10.81 1.70 13.46
N GLU A 59 -10.91 2.96 13.02
CA GLU A 59 -12.20 3.55 12.67
C GLU A 59 -12.88 2.73 11.57
N CYS A 60 -12.15 2.39 10.52
CA CYS A 60 -12.73 1.55 9.46
C CYS A 60 -13.22 0.19 9.96
N LEU A 61 -12.43 -0.41 10.84
CA LEU A 61 -12.74 -1.72 11.37
C LEU A 61 -14.01 -1.54 12.18
N LEU A 62 -14.07 -0.49 13.00
CA LEU A 62 -15.26 -0.26 13.82
C LEU A 62 -16.54 -0.04 12.99
N ASN A 63 -16.37 0.64 11.85
CA ASN A 63 -17.45 0.86 10.90
C ASN A 63 -17.83 -0.34 10.05
N GLY A 64 -17.09 -1.44 10.16
CA GLY A 64 -17.46 -2.68 9.48
C GLY A 64 -16.78 -2.84 8.13
N VAL A 65 -15.83 -1.99 7.84
CA VAL A 65 -15.12 -2.02 6.56
C VAL A 65 -14.17 -3.23 6.44
N TYR A 66 -13.44 -3.50 7.55
CA TYR A 66 -12.48 -4.59 7.58
C TYR A 66 -12.88 -5.61 8.63
N ASP A 67 -12.45 -6.86 8.47
CA ASP A 67 -12.68 -7.90 9.47
C ASP A 67 -11.67 -7.80 10.61
N MSE A 68 -10.48 -7.30 10.28
CA MSE A 68 -9.39 -7.20 11.25
C MSE A 68 -8.44 -6.05 10.88
O MSE A 68 -8.41 -5.61 9.73
CB MSE A 68 -8.63 -8.55 11.42
CG MSE A 68 -8.26 -9.24 10.16
SE MSE A 68 -7.58 -11.11 10.34
CE MSE A 68 -9.18 -12.18 10.31
N ALA A 69 -7.69 -5.57 11.88
CA ALA A 69 -6.76 -4.49 11.69
C ALA A 69 -5.48 -4.75 12.48
N VAL A 70 -4.34 -4.52 11.86
CA VAL A 70 -3.05 -4.61 12.53
C VAL A 70 -2.57 -3.27 13.06
N VAL A 71 -2.29 -3.22 14.36
CA VAL A 71 -1.68 -2.04 14.98
C VAL A 71 -0.72 -2.52 16.05
N SER A 72 0.02 -1.59 16.66
CA SER A 72 0.85 -1.92 17.82
C SER A 72 0.04 -2.21 19.05
N ARG A 73 0.64 -2.98 19.96
CA ARG A 73 0.03 -3.27 21.23
C ARG A 73 -0.24 -1.99 21.98
N LEU A 74 0.68 -1.05 21.92
CA LEU A 74 0.56 0.21 22.68
C LEU A 74 -0.70 1.01 22.21
N ALA A 75 -0.83 1.23 20.90
CA ALA A 75 -2.05 1.79 20.37
C ALA A 75 -3.30 1.00 20.75
N ALA A 76 -3.23 -0.32 20.66
CA ALA A 76 -4.38 -1.17 20.83
C ALA A 76 -4.87 -1.06 22.23
N GLU A 77 -3.94 -0.99 23.18
CA GLU A 77 -4.34 -0.87 24.58
C GLU A 77 -5.12 0.42 24.81
N SER A 78 -4.73 1.52 24.18
CA SER A 78 -5.52 2.76 24.19
C SER A 78 -6.86 2.69 23.46
N TYR A 79 -6.85 2.18 22.22
CA TYR A 79 -8.08 2.02 21.48
C TYR A 79 -9.10 1.32 22.34
N LEU A 80 -8.74 0.24 23.03
CA LEU A 80 -9.71 -0.47 23.90
C LEU A 80 -10.32 0.31 25.09
N SER A 81 -9.73 1.43 25.56
CA SER A 81 -10.36 2.31 26.58
C SER A 81 -11.44 3.12 25.89
N GLN A 82 -11.26 3.34 24.59
CA GLN A 82 -12.07 4.34 23.91
C GLN A 82 -13.17 3.68 23.09
N ASN A 83 -12.98 2.42 22.69
CA ASN A 83 -13.88 1.77 21.74
C ASN A 83 -14.07 0.36 22.21
N ASN A 84 -15.20 -0.25 21.84
CA ASN A 84 -15.43 -1.68 22.07
C ASN A 84 -14.71 -2.55 21.02
N LEU A 85 -13.62 -3.15 21.42
CA LEU A 85 -12.71 -3.83 20.51
C LEU A 85 -12.19 -5.07 21.20
N CYS A 86 -11.62 -5.99 20.41
CA CYS A 86 -10.97 -7.20 20.92
C CYS A 86 -9.51 -7.26 20.48
N ILE A 87 -8.58 -7.49 21.40
CA ILE A 87 -7.23 -7.84 20.93
C ILE A 87 -7.22 -9.33 20.62
N ALA A 88 -7.25 -9.69 19.34
CA ALA A 88 -7.51 -11.08 19.03
C ALA A 88 -6.27 -11.93 18.91
N LEU A 89 -5.12 -11.30 18.69
CA LEU A 89 -3.86 -11.98 18.48
C LEU A 89 -2.82 -10.97 18.98
N GLU A 90 -1.85 -11.43 19.76
CA GLU A 90 -0.73 -10.62 20.19
C GLU A 90 0.54 -11.40 19.87
N LEU A 91 1.52 -10.73 19.25
CA LEU A 91 2.70 -11.40 18.69
C LEU A 91 4.00 -11.21 19.47
N GLY A 92 3.96 -10.40 20.53
CA GLY A 92 5.13 -10.20 21.33
C GLY A 92 5.97 -9.08 20.74
N PRO A 93 6.91 -8.63 21.52
CA PRO A 93 7.80 -7.56 21.16
C PRO A 93 8.67 -7.81 19.92
N HIS A 94 9.01 -6.71 19.23
CA HIS A 94 9.89 -6.75 18.09
C HIS A 94 9.24 -7.42 16.89
N THR A 95 7.92 -7.44 16.80
CA THR A 95 7.22 -8.07 15.66
C THR A 95 6.62 -7.02 14.67
N TYR A 96 6.69 -5.75 15.07
CA TYR A 96 5.99 -4.67 14.36
C TYR A 96 6.97 -3.60 13.85
N VAL A 97 7.72 -2.98 14.76
CA VAL A 97 8.70 -1.93 14.40
C VAL A 97 9.92 -2.09 15.32
N GLY A 98 11.02 -1.40 15.00
CA GLY A 98 12.19 -1.32 15.88
C GLY A 98 11.97 -0.40 17.06
N GLU A 99 12.91 -0.41 18.01
CA GLU A 99 12.87 0.47 19.18
C GLU A 99 12.90 1.94 18.80
N HIS A 100 12.37 2.76 19.70
CA HIS A 100 12.39 4.20 19.53
C HIS A 100 13.35 4.80 20.50
N GLN A 101 13.79 6.01 20.19
CA GLN A 101 14.70 6.71 21.07
C GLN A 101 14.33 8.20 21.12
N LEU A 102 14.90 8.89 22.10
CA LEU A 102 14.80 10.32 22.20
C LEU A 102 15.96 11.00 21.47
N ILE A 103 15.65 11.69 20.37
CA ILE A 103 16.66 12.42 19.58
C ILE A 103 16.60 13.93 19.89
N CYS A 104 17.75 14.49 20.28
CA CYS A 104 17.87 15.91 20.58
C CYS A 104 19.26 16.39 20.19
N ARG A 105 19.52 17.70 20.34
CA ARG A 105 20.88 18.21 20.15
C ARG A 105 21.80 17.69 21.26
N LYS A 106 23.08 17.52 20.91
CA LYS A 106 24.11 16.90 21.77
C LYS A 106 24.18 17.44 23.21
N GLY A 107 23.91 16.57 24.17
CA GLY A 107 23.89 16.94 25.59
C GLY A 107 22.75 17.84 26.06
N GLU A 108 21.70 17.97 25.26
CA GLU A 108 20.63 18.89 25.62
C GLU A 108 19.33 18.21 26.03
N SER A 109 19.43 16.91 26.33
CA SER A 109 18.29 16.09 26.74
C SER A 109 17.65 16.57 28.04
N GLY A 110 18.44 17.23 28.88
CA GLY A 110 17.93 17.81 30.12
C GLY A 110 17.26 19.16 29.92
N ASN A 111 17.29 19.70 28.69
CA ASN A 111 16.82 21.07 28.44
C ASN A 111 15.68 21.18 27.44
N VAL A 112 14.80 20.17 27.41
CA VAL A 112 13.79 20.05 26.35
C VAL A 112 12.50 20.79 26.70
N LYS A 113 12.06 21.62 25.75
CA LYS A 113 10.93 22.49 25.95
C LYS A 113 9.94 22.39 24.79
N ARG A 114 10.44 22.12 23.60
CA ARG A 114 9.57 21.88 22.46
C ARG A 114 9.88 20.50 21.83
N VAL A 115 8.81 19.75 21.53
CA VAL A 115 8.89 18.42 20.93
C VAL A 115 8.12 18.25 19.61
N GLY A 116 8.82 17.78 18.60
CA GLY A 116 8.18 17.49 17.32
C GLY A 116 7.33 16.23 17.42
N LEU A 117 6.21 16.22 16.70
CA LEU A 117 5.17 15.21 16.83
C LEU A 117 4.36 15.16 15.55
N ASP A 118 4.38 14.01 14.90
CA ASP A 118 3.54 13.79 13.73
C ASP A 118 2.12 13.32 14.09
N SER A 119 1.15 14.11 13.63
CA SER A 119 -0.28 13.89 13.88
C SER A 119 -0.83 12.56 13.36
N ARG A 120 -0.15 12.03 12.35
CA ARG A 120 -0.53 10.79 11.72
C ARG A 120 -0.03 9.56 12.54
N SER A 121 0.91 9.76 13.46
CA SER A 121 1.51 8.67 14.23
C SER A 121 0.85 8.46 15.57
N ALA A 122 -0.03 7.48 15.64
CA ALA A 122 -0.73 7.15 16.87
C ALA A 122 0.27 6.81 17.99
N ASP A 123 1.30 6.04 17.65
CA ASP A 123 2.29 5.58 18.64
C ASP A 123 3.19 6.73 19.13
N GLN A 124 3.68 7.56 18.21
CA GLN A 124 4.50 8.72 18.59
C GLN A 124 3.76 9.64 19.59
N LYS A 125 2.43 9.81 19.44
CA LYS A 125 1.65 10.64 20.38
C LYS A 125 1.62 10.05 21.75
N ILE A 126 1.27 8.76 21.82
CA ILE A 126 1.21 8.04 23.08
C ILE A 126 2.55 8.06 23.80
N MSE A 127 3.59 7.75 23.05
CA MSE A 127 4.94 7.69 23.59
C MSE A 127 5.44 9.04 24.04
O MSE A 127 6.08 9.15 25.09
CB MSE A 127 5.87 7.05 22.56
CG MSE A 127 5.90 5.48 22.60
SE MSE A 127 7.16 4.88 21.24
CE MSE A 127 8.66 4.47 22.32
N THR A 128 5.14 10.09 23.26
CA THR A 128 5.45 11.48 23.67
C THR A 128 4.73 11.86 24.98
N ASP A 129 3.42 11.58 25.06
CA ASP A 129 2.69 11.80 26.33
C ASP A 129 3.25 11.00 27.51
N VAL A 130 3.53 9.70 27.31
CA VAL A 130 4.12 8.87 28.35
C VAL A 130 5.52 9.41 28.79
N PHE A 131 6.40 9.67 27.86
CA PHE A 131 7.77 10.12 28.23
C PHE A 131 7.82 11.52 28.88
N PHE A 132 7.12 12.48 28.32
CA PHE A 132 7.13 13.85 28.88
C PHE A 132 6.14 14.14 30.03
N GLY A 133 5.41 13.14 30.50
CA GLY A 133 4.73 13.20 31.81
C GLY A 133 3.99 14.47 32.14
N ASP A 134 4.11 14.88 33.40
CA ASP A 134 3.56 16.16 33.90
C ASP A 134 4.57 17.33 33.73
N SER A 135 5.31 17.33 32.60
CA SER A 135 6.27 18.39 32.30
C SER A 135 5.68 19.43 31.30
N ASP A 136 5.95 20.72 31.56
CA ASP A 136 5.64 21.82 30.65
C ASP A 136 6.45 21.72 29.34
N VAL A 137 6.05 20.85 28.41
CA VAL A 137 6.73 20.73 27.12
C VAL A 137 5.74 21.01 25.97
N GLU A 138 6.08 21.93 25.08
CA GLU A 138 5.25 22.25 23.90
C GLU A 138 5.37 21.19 22.79
N ARG A 139 4.22 20.73 22.27
CA ARG A 139 4.16 19.82 21.13
C ARG A 139 3.96 20.59 19.83
N VAL A 140 4.82 20.35 18.84
CA VAL A 140 4.76 21.04 17.56
C VAL A 140 4.48 20.03 16.45
N ASP A 141 3.45 20.26 15.64
CA ASP A 141 3.05 19.32 14.60
C ASP A 141 4.04 19.28 13.45
N LEU A 142 4.87 18.24 13.44
CA LEU A 142 5.94 18.12 12.48
C LEU A 142 6.12 16.67 12.11
N SER A 143 6.38 16.39 10.85
CA SER A 143 6.95 15.11 10.52
C SER A 143 8.38 15.03 11.11
N TYR A 144 8.85 13.82 11.42
N TYR A 144 8.68 13.89 11.69
CA TYR A 144 10.25 13.58 11.82
CA TYR A 144 10.00 13.43 12.15
C TYR A 144 11.23 14.34 10.95
C TYR A 144 11.13 14.11 11.41
N HIS A 145 11.06 14.20 9.63
N HIS A 145 10.89 14.28 10.11
CA HIS A 145 11.78 15.00 8.67
CA HIS A 145 11.83 14.88 9.19
C HIS A 145 11.89 16.42 9.23
C HIS A 145 11.89 16.40 9.39
N GLU A 146 10.74 17.08 9.38
CA GLU A 146 10.67 18.50 9.78
C GLU A 146 11.20 18.70 11.19
N SER A 147 10.92 17.72 12.07
CA SER A 147 11.42 17.75 13.45
C SER A 147 12.94 17.69 13.44
N LEU A 148 13.49 16.65 12.83
CA LEU A 148 14.93 16.53 12.69
C LEU A 148 15.50 17.86 12.18
N GLN A 149 14.97 18.30 11.05
CA GLN A 149 15.43 19.53 10.42
C GLN A 149 15.32 20.71 11.36
N ARG A 150 14.24 20.74 12.14
CA ARG A 150 14.01 21.87 13.04
C ARG A 150 14.85 21.77 14.30
N ILE A 151 15.08 20.53 14.76
CA ILE A 151 16.03 20.25 15.83
C ILE A 151 17.43 20.72 15.39
N VAL A 152 17.84 20.34 14.19
CA VAL A 152 19.08 20.89 13.64
C VAL A 152 18.97 22.44 13.64
N LYS A 153 17.87 22.98 13.12
CA LYS A 153 17.69 24.45 13.14
C LYS A 153 17.88 25.10 14.54
N GLY A 154 17.26 24.54 15.58
CA GLY A 154 17.41 25.06 16.95
C GLY A 154 16.10 25.45 17.60
N ASP A 155 15.03 25.37 16.80
CA ASP A 155 13.69 25.76 17.23
C ASP A 155 12.99 24.69 18.09
N VAL A 156 13.01 23.46 17.61
CA VAL A 156 12.39 22.31 18.28
C VAL A 156 13.51 21.56 18.95
N ASP A 157 13.25 21.01 20.12
CA ASP A 157 14.32 20.47 20.93
C ASP A 157 14.50 18.95 20.81
N ALA A 158 13.42 18.23 20.45
CA ALA A 158 13.42 16.78 20.52
C ALA A 158 12.32 16.13 19.68
N VAL A 159 12.49 14.85 19.37
CA VAL A 159 11.47 14.03 18.75
C VAL A 159 11.74 12.60 19.24
N ILE A 160 10.67 11.84 19.55
CA ILE A 160 10.79 10.41 19.81
C ILE A 160 10.63 9.73 18.47
N TRP A 161 11.64 8.95 18.09
CA TRP A 161 11.67 8.37 16.75
C TRP A 161 12.43 7.01 16.69
N ASN A 162 12.25 6.29 15.60
N ASN A 162 12.35 6.33 15.55
CA ASN A 162 13.01 5.07 15.40
CA ASN A 162 12.99 5.00 15.30
C ASN A 162 14.51 5.36 15.52
C ASN A 162 14.53 4.97 15.14
N VAL A 163 15.22 4.45 16.16
CA VAL A 163 16.69 4.56 16.32
C VAL A 163 17.56 4.69 15.05
N ALA A 165 20.83 6.24 14.53
CA ALA A 165 22.10 5.60 14.12
C ALA A 165 23.30 6.40 14.59
N GLU A 166 24.05 5.82 15.54
CA GLU A 166 25.18 6.48 16.24
C GLU A 166 25.98 7.53 15.43
N ASN A 167 26.13 7.29 14.12
CA ASN A 167 27.05 8.06 13.30
C ASN A 167 26.44 9.28 12.61
N GLU A 168 25.32 9.09 11.90
CA GLU A 168 24.59 10.18 11.25
C GLU A 168 24.22 11.26 12.25
N LEU A 169 23.74 10.84 13.42
CA LEU A 169 23.33 11.74 14.49
C LEU A 169 24.48 12.62 14.96
N THR A 170 25.62 12.01 15.27
CA THR A 170 26.84 12.73 15.64
C THR A 170 27.26 13.78 14.62
N MSE A 171 27.15 13.44 13.33
CA MSE A 171 27.45 14.37 12.23
C MSE A 171 26.58 15.60 12.27
O MSE A 171 27.05 16.70 11.96
CB MSE A 171 27.24 13.71 10.89
CG MSE A 171 28.16 12.57 10.64
SE MSE A 171 28.11 12.05 8.79
CE MSE A 171 26.28 11.41 8.63
N LEU A 172 25.31 15.41 12.62
CA LEU A 172 24.38 16.52 12.72
C LEU A 172 24.40 17.21 14.08
N GLY A 173 25.25 16.74 14.99
CA GLY A 173 25.32 17.31 16.33
C GLY A 173 24.14 16.88 17.20
N LEU A 174 23.56 15.74 16.86
CA LEU A 174 22.44 15.19 17.61
C LEU A 174 22.89 14.05 18.49
N GLU A 175 22.01 13.64 19.39
CA GLU A 175 22.21 12.42 20.17
C GLU A 175 20.88 11.67 20.29
N ALA A 176 20.97 10.34 20.40
CA ALA A 176 19.80 9.48 20.58
C ALA A 176 19.84 8.77 21.94
N THR A 177 18.82 8.99 22.75
CA THR A 177 18.68 8.32 24.05
C THR A 177 17.62 7.22 24.03
N PRO A 178 18.03 5.97 24.37
CA PRO A 178 17.04 4.89 24.56
C PRO A 178 16.01 5.25 25.65
N LEU A 179 14.79 4.73 25.54
CA LEU A 179 13.67 5.26 26.31
C LEU A 179 13.44 4.64 27.70
N THR A 180 13.21 5.52 28.70
CA THR A 180 13.15 5.15 30.11
C THR A 180 12.10 4.10 30.54
N ASP A 181 12.46 2.81 30.45
CA ASP A 181 11.95 1.81 31.42
C ASP A 181 10.53 1.33 31.18
N ASP A 182 9.66 2.32 31.04
CA ASP A 182 8.24 2.12 30.98
C ASP A 182 7.93 1.01 29.99
N PRO A 183 7.17 0.01 30.42
CA PRO A 183 6.77 -1.08 29.55
C PRO A 183 6.09 -0.67 28.24
N ARG A 184 5.51 0.53 28.20
CA ARG A 184 4.71 0.92 27.04
C ARG A 184 5.56 1.11 25.83
N PHE A 185 6.81 1.51 26.01
CA PHE A 185 7.65 1.79 24.85
C PHE A 185 7.92 0.53 24.06
N LEU A 186 8.05 -0.62 24.74
CA LEU A 186 8.27 -1.90 24.05
C LEU A 186 6.97 -2.39 23.44
N GLN A 187 5.85 -2.01 24.05
CA GLN A 187 4.53 -2.33 23.49
C GLN A 187 4.36 -1.73 22.10
N ALA A 188 5.07 -0.64 21.85
CA ALA A 188 5.07 -0.02 20.55
C ALA A 188 5.64 -0.91 19.43
N THR A 189 6.53 -1.84 19.81
CA THR A 189 7.18 -2.78 18.85
C THR A 189 6.42 -4.09 18.62
N GLU A 190 5.32 -4.27 19.34
CA GLU A 190 4.51 -5.50 19.31
C GLU A 190 3.29 -5.39 18.39
N ALA A 191 3.20 -6.29 17.40
CA ALA A 191 2.09 -6.36 16.48
C ALA A 191 0.93 -7.05 17.15
N VAL A 192 -0.27 -6.49 16.99
CA VAL A 192 -1.46 -7.18 17.45
C VAL A 192 -2.53 -7.11 16.35
N VAL A 193 -3.53 -7.96 16.41
CA VAL A 193 -4.64 -7.91 15.45
C VAL A 193 -5.87 -7.61 16.29
N LEU A 194 -6.65 -6.62 15.85
CA LEU A 194 -7.90 -6.21 16.48
C LEU A 194 -9.04 -6.69 15.61
N THR A 195 -10.15 -7.03 16.27
CA THR A 195 -11.41 -7.24 15.58
C THR A 195 -12.49 -6.49 16.41
N ARG A 196 -13.66 -6.31 15.81
CA ARG A 196 -14.82 -5.87 16.58
C ARG A 196 -15.08 -6.81 17.76
N VAL A 197 -15.52 -6.24 18.89
CA VAL A 197 -15.64 -6.99 20.11
C VAL A 197 -16.65 -8.12 20.01
N ASP A 198 -17.65 -7.92 19.16
N ASP A 198 -17.65 -7.96 19.16
CA ASP A 198 -18.75 -8.88 19.01
CA ASP A 198 -18.72 -8.97 19.03
C ASP A 198 -18.63 -9.72 17.74
C ASP A 198 -18.53 -9.92 17.88
N ASP A 199 -17.46 -9.73 17.12
CA ASP A 199 -17.25 -10.50 15.90
C ASP A 199 -16.58 -11.83 16.30
N TYR A 200 -17.36 -12.68 16.95
CA TYR A 200 -16.93 -13.98 17.38
C TYR A 200 -16.48 -14.89 16.21
N PRO A 201 -17.23 -14.91 15.07
CA PRO A 201 -16.69 -15.66 13.90
C PRO A 201 -15.26 -15.31 13.50
N MSE A 202 -14.92 -14.02 13.40
CA MSE A 202 -13.57 -13.64 13.05
C MSE A 202 -12.58 -13.98 14.19
O MSE A 202 -11.52 -14.53 13.94
CB MSE A 202 -13.50 -12.15 12.71
CG MSE A 202 -12.21 -11.72 12.09
SE MSE A 202 -11.78 -12.63 10.39
CE MSE A 202 -13.53 -12.89 9.68
N GLN A 203 -12.97 -13.74 15.45
CA GLN A 203 -12.07 -14.03 16.56
C GLN A 203 -11.74 -15.51 16.55
N GLN A 204 -12.76 -16.34 16.43
CA GLN A 204 -12.63 -17.80 16.55
C GLN A 204 -11.90 -18.42 15.35
N LEU A 205 -12.04 -17.81 14.19
CA LEU A 205 -11.38 -18.23 12.99
C LEU A 205 -9.87 -17.99 13.13
N LEU A 206 -9.51 -16.79 13.59
CA LEU A 206 -8.11 -16.45 13.90
C LEU A 206 -7.47 -17.39 14.94
N ARG A 207 -8.20 -17.67 16.00
CA ARG A 207 -7.77 -18.65 16.98
C ARG A 207 -7.59 -20.03 16.35
N ALA A 208 -8.47 -20.44 15.45
CA ALA A 208 -8.40 -21.74 14.79
C ALA A 208 -7.18 -21.86 13.87
N VAL A 209 -7.03 -20.89 12.96
CA VAL A 209 -6.06 -20.97 11.91
C VAL A 209 -4.64 -20.62 12.32
N VAL A 210 -4.46 -19.66 13.23
CA VAL A 210 -3.11 -19.13 13.51
C VAL A 210 -2.30 -20.05 14.50
N ASP A 211 -1.07 -20.38 14.14
CA ASP A 211 -0.09 -21.02 15.08
C ASP A 211 0.91 -19.91 15.37
N LYS A 212 0.89 -19.35 16.59
CA LYS A 212 1.69 -18.13 16.88
C LYS A 212 3.17 -18.32 16.54
N HIS A 213 3.79 -19.39 17.08
CA HIS A 213 5.22 -19.68 16.80
C HIS A 213 5.60 -19.85 15.32
N ALA A 214 4.75 -20.56 14.59
CA ALA A 214 4.87 -20.70 13.12
C ALA A 214 4.80 -19.32 12.41
N LEU A 215 3.81 -18.52 12.77
CA LEU A 215 3.77 -17.17 12.22
C LEU A 215 5.07 -16.42 12.50
N LEU A 216 5.52 -16.48 13.75
CA LEU A 216 6.74 -15.83 14.11
C LEU A 216 7.97 -16.37 13.35
N ALA A 217 8.07 -17.70 13.17
CA ALA A 217 9.26 -18.27 12.54
C ALA A 217 9.28 -17.83 11.08
N HIS A 218 8.14 -17.84 10.42
CA HIS A 218 8.02 -17.33 9.06
C HIS A 218 8.41 -15.86 8.96
N GLN A 219 7.92 -15.02 9.88
CA GLN A 219 8.42 -13.65 9.95
C GLN A 219 9.95 -13.60 9.99
N GLN A 220 10.55 -14.38 10.89
N GLN A 220 10.59 -14.36 10.87
CA GLN A 220 12.02 -14.50 11.06
CA GLN A 220 12.06 -14.26 10.95
C GLN A 220 12.77 -14.84 9.77
C GLN A 220 12.83 -14.83 9.74
N ARG A 221 12.26 -15.83 9.06
CA ARG A 221 12.85 -16.31 7.81
C ARG A 221 12.74 -15.26 6.69
N VAL A 222 11.68 -14.44 6.72
CA VAL A 222 11.57 -13.33 5.79
C VAL A 222 12.59 -12.23 6.16
N VAL A 223 12.74 -11.94 7.44
CA VAL A 223 13.64 -10.86 7.89
C VAL A 223 15.10 -11.19 7.67
N SER A 224 15.45 -12.47 7.78
CA SER A 224 16.82 -12.88 7.54
C SER A 224 17.15 -13.02 6.04
N GLY A 225 16.17 -12.92 5.16
CA GLY A 225 16.42 -13.06 3.74
C GLY A 225 16.46 -14.51 3.25
N GLU A 226 16.20 -15.45 4.15
N GLU A 226 16.19 -15.46 4.14
CA GLU A 226 16.11 -16.86 3.85
CA GLU A 226 16.16 -16.87 3.76
C GLU A 226 14.95 -17.13 2.89
C GLU A 226 14.92 -17.19 2.93
N GLN A 227 13.89 -16.35 3.08
CA GLN A 227 12.62 -16.57 2.40
C GLN A 227 12.07 -15.22 1.90
N GLU A 228 11.48 -15.21 0.70
CA GLU A 228 10.82 -14.00 0.19
C GLU A 228 9.37 -13.94 0.70
N PRO A 229 8.85 -12.71 0.91
CA PRO A 229 7.53 -12.49 1.46
C PRO A 229 6.51 -12.70 0.38
N SER A 230 5.31 -13.07 0.79
CA SER A 230 4.21 -13.19 -0.11
C SER A 230 2.99 -12.64 0.62
N TYR A 231 2.53 -11.46 0.21
CA TYR A 231 1.36 -10.84 0.87
C TYR A 231 0.64 -9.95 -0.15
N ILE B 15 -21.95 13.92 4.52
CA ILE B 15 -21.02 12.90 3.91
C ILE B 15 -20.33 12.13 5.00
N ASN B 16 -20.47 10.81 4.98
CA ASN B 16 -19.90 9.96 6.02
C ASN B 16 -18.38 10.09 6.11
N ASN B 17 -17.65 9.38 5.23
CA ASN B 17 -16.17 9.28 5.30
C ASN B 17 -15.62 8.54 4.07
N VAL B 18 -14.85 9.24 3.22
CA VAL B 18 -14.44 8.69 1.90
C VAL B 18 -13.16 7.81 1.86
N VAL B 19 -13.36 6.52 1.59
CA VAL B 19 -12.25 5.57 1.46
C VAL B 19 -12.14 5.04 0.04
N CYS B 20 -11.02 5.33 -0.61
CA CYS B 20 -10.75 4.95 -2.00
C CYS B 20 -9.69 3.83 -2.10
N ALA B 21 -10.03 2.78 -2.86
CA ALA B 21 -9.17 1.65 -3.10
C ALA B 21 -8.35 1.89 -4.36
N MSE B 22 -7.03 1.72 -4.25
CA MSE B 22 -6.18 1.78 -5.43
C MSE B 22 -5.00 0.83 -5.31
O MSE B 22 -4.75 0.31 -4.24
CB MSE B 22 -5.70 3.20 -5.70
CG MSE B 22 -5.06 3.91 -4.56
SE MSE B 22 -4.25 5.55 -5.27
CE MSE B 22 -2.60 4.74 -6.01
N PRO B 23 -4.28 0.62 -6.43
CA PRO B 23 -3.07 -0.21 -6.38
C PRO B 23 -2.08 0.29 -5.34
N LEU B 24 -1.15 -0.58 -4.95
CA LEU B 24 0.02 -0.15 -4.23
C LEU B 24 0.73 0.92 -5.06
N PRO B 25 1.11 2.04 -4.42
CA PRO B 25 1.51 3.27 -5.14
C PRO B 25 2.92 3.19 -5.72
N TYR B 26 3.13 2.24 -6.61
CA TYR B 26 4.48 1.87 -7.00
C TYR B 26 5.02 2.47 -8.30
N THR B 27 4.26 3.33 -8.97
CA THR B 27 4.81 4.15 -10.06
C THR B 27 4.60 5.66 -9.75
N ARG B 28 5.42 6.55 -10.33
CA ARG B 28 5.23 7.99 -10.16
C ARG B 28 3.85 8.36 -10.68
N LEU B 29 3.44 7.75 -11.78
CA LEU B 29 2.09 7.95 -12.28
C LEU B 29 1.02 7.66 -11.24
N TYR B 30 1.11 6.50 -10.57
CA TYR B 30 0.18 6.21 -9.46
C TYR B 30 0.31 7.24 -8.33
N GLU B 31 1.52 7.54 -7.91
CA GLU B 31 1.75 8.54 -6.86
C GLU B 31 1.14 9.93 -7.16
N GLY B 32 1.07 10.30 -8.43
CA GLY B 32 0.59 11.61 -8.85
C GLY B 32 -0.89 11.62 -9.14
N LEU B 33 -1.39 10.50 -9.66
CA LEU B 33 -2.80 10.25 -9.66
C LEU B 33 -3.31 10.27 -8.21
N ALA B 34 -2.65 9.56 -7.32
CA ALA B 34 -3.17 9.48 -5.96
C ALA B 34 -3.19 10.85 -5.27
N SER B 35 -2.10 11.60 -5.44
CA SER B 35 -1.96 12.84 -4.66
C SER B 35 -2.82 13.92 -5.28
N GLY B 36 -2.98 13.80 -6.60
CA GLY B 36 -3.82 14.66 -7.40
C GLY B 36 -5.28 14.56 -7.02
N LEU B 37 -5.77 13.34 -6.90
CA LEU B 37 -7.16 13.13 -6.58
C LEU B 37 -7.46 13.50 -5.13
N LYS B 38 -6.55 13.21 -4.21
CA LYS B 38 -6.79 13.56 -2.81
C LYS B 38 -6.96 15.10 -2.66
N ALA B 39 -6.15 15.86 -3.39
CA ALA B 39 -6.20 17.32 -3.38
C ALA B 39 -7.53 17.92 -3.90
N GLN B 40 -8.34 17.12 -4.57
CA GLN B 40 -9.70 17.48 -4.96
C GLN B 40 -10.66 17.45 -3.78
N PHE B 41 -10.32 16.69 -2.75
CA PHE B 41 -11.20 16.49 -1.61
C PHE B 41 -10.78 17.34 -0.41
N ASP B 42 -9.78 18.18 -0.63
CA ASP B 42 -9.35 19.20 0.31
C ASP B 42 -10.52 19.72 1.17
N GLY B 43 -10.48 19.48 2.48
CA GLY B 43 -11.61 19.79 3.37
C GLY B 43 -12.50 18.60 3.77
N ILE B 44 -12.24 17.44 3.16
CA ILE B 44 -13.00 16.21 3.39
C ILE B 44 -12.05 15.08 3.81
N PRO B 45 -12.34 14.43 4.96
CA PRO B 45 -11.61 13.23 5.40
C PRO B 45 -11.63 12.15 4.32
N PHE B 46 -10.51 12.08 3.59
CA PHE B 46 -10.44 11.26 2.40
C PHE B 46 -9.25 10.34 2.58
N TYR B 47 -9.41 9.06 2.24
CA TYR B 47 -8.32 8.05 2.55
C TYR B 47 -8.08 6.99 1.48
N TYR B 48 -6.82 6.61 1.31
CA TYR B 48 -6.51 5.49 0.43
C TYR B 48 -6.33 4.17 1.17
N ALA B 49 -6.94 3.11 0.62
CA ALA B 49 -6.64 1.73 0.97
C ALA B 49 -5.93 1.08 -0.24
N HIS B 50 -4.65 0.76 -0.12
CA HIS B 50 -3.92 0.14 -1.26
C HIS B 50 -3.97 -1.36 -1.18
N MSE B 51 -4.52 -1.99 -2.22
CA MSE B 51 -4.71 -3.44 -2.31
C MSE B 51 -4.27 -3.86 -3.68
O MSE B 51 -4.66 -3.22 -4.66
CB MSE B 51 -6.17 -3.89 -2.26
CG MSE B 51 -6.98 -3.66 -1.02
SE MSE B 51 -8.70 -4.60 -1.31
CE MSE B 51 -8.48 -6.15 -0.18
N ARG B 52 -3.48 -4.94 -3.72
N ARG B 52 -3.52 -4.96 -3.72
CA ARG B 52 -3.02 -5.51 -4.96
CA ARG B 52 -2.98 -5.57 -4.93
C ARG B 52 -4.13 -6.32 -5.59
C ARG B 52 -4.04 -6.43 -5.63
N GLY B 53 -4.32 -6.08 -6.89
CA GLY B 53 -5.36 -6.74 -7.68
C GLY B 53 -6.59 -5.87 -7.95
N ALA B 54 -6.79 -5.52 -9.21
CA ALA B 54 -8.01 -4.84 -9.65
C ALA B 54 -9.30 -5.60 -9.28
N ASP B 55 -9.32 -6.92 -9.47
CA ASP B 55 -10.50 -7.73 -9.17
C ASP B 55 -10.99 -7.60 -7.71
N ILE B 56 -10.08 -7.76 -6.77
CA ILE B 56 -10.46 -7.71 -5.36
C ILE B 56 -10.85 -6.30 -4.98
N ARG B 57 -10.22 -5.31 -5.60
CA ARG B 57 -10.64 -3.92 -5.38
C ARG B 57 -12.08 -3.71 -5.79
N VAL B 58 -12.45 -4.14 -7.00
CA VAL B 58 -13.85 -3.95 -7.43
C VAL B 58 -14.83 -4.79 -6.59
N GLU B 59 -14.48 -6.05 -6.31
CA GLU B 59 -15.33 -6.92 -5.50
C GLU B 59 -15.57 -6.36 -4.10
N CYS B 60 -14.53 -5.78 -3.51
CA CYS B 60 -14.68 -5.07 -2.24
C CYS B 60 -15.59 -3.85 -2.36
N LEU B 61 -15.48 -3.08 -3.46
CA LEU B 61 -16.39 -1.96 -3.74
C LEU B 61 -17.84 -2.43 -3.83
N LEU B 62 -18.04 -3.56 -4.49
CA LEU B 62 -19.37 -4.14 -4.64
C LEU B 62 -19.92 -4.68 -3.35
N ASN B 63 -19.04 -5.26 -2.53
CA ASN B 63 -19.43 -5.84 -1.25
C ASN B 63 -19.64 -4.77 -0.20
N GLY B 64 -19.40 -3.51 -0.54
CA GLY B 64 -19.61 -2.41 0.40
C GLY B 64 -18.37 -1.95 1.14
N VAL B 65 -17.29 -2.68 0.97
CA VAL B 65 -16.03 -2.39 1.66
C VAL B 65 -15.51 -0.96 1.40
N TYR B 66 -15.62 -0.43 0.18
CA TYR B 66 -15.18 0.97 -0.06
C TYR B 66 -16.19 1.86 -0.80
N ASP B 67 -15.95 3.17 -0.74
CA ASP B 67 -16.78 4.18 -1.41
C ASP B 67 -16.43 4.36 -2.90
N MSE B 68 -15.17 4.10 -3.27
CA MSE B 68 -14.76 4.03 -4.67
C MSE B 68 -13.46 3.24 -4.84
O MSE B 68 -12.76 2.97 -3.86
CB MSE B 68 -14.64 5.42 -5.30
CG MSE B 68 -13.54 6.27 -4.72
SE MSE B 68 -14.05 8.15 -4.45
CE MSE B 68 -12.26 8.93 -4.51
N ALA B 69 -13.19 2.86 -6.09
CA ALA B 69 -12.01 2.10 -6.48
C ALA B 69 -11.38 2.69 -7.77
N VAL B 70 -10.05 2.79 -7.75
CA VAL B 70 -9.27 3.22 -8.89
C VAL B 70 -8.73 1.98 -9.63
N VAL B 71 -9.03 1.90 -10.93
CA VAL B 71 -8.56 0.85 -11.85
C VAL B 71 -8.44 1.43 -13.25
N SER B 72 -8.09 0.60 -14.23
CA SER B 72 -7.94 1.05 -15.62
C SER B 72 -9.25 0.88 -16.35
N ARG B 73 -9.49 1.69 -17.40
CA ARG B 73 -10.71 1.52 -18.20
C ARG B 73 -10.77 0.10 -18.72
N LEU B 74 -9.64 -0.43 -19.12
CA LEU B 74 -9.56 -1.81 -19.59
C LEU B 74 -10.01 -2.80 -18.51
N ALA B 75 -9.52 -2.62 -17.28
CA ALA B 75 -9.90 -3.50 -16.20
C ALA B 75 -11.38 -3.34 -15.91
N ALA B 76 -11.85 -2.09 -15.90
CA ALA B 76 -13.23 -1.78 -15.55
C ALA B 76 -14.18 -2.47 -16.51
N GLU B 77 -13.71 -2.71 -17.73
CA GLU B 77 -14.52 -3.35 -18.77
C GLU B 77 -14.97 -4.76 -18.41
N SER B 78 -14.24 -5.42 -17.52
CA SER B 78 -14.56 -6.80 -17.15
C SER B 78 -15.82 -6.93 -16.28
N TYR B 79 -16.20 -5.86 -15.60
N TYR B 79 -16.22 -5.85 -15.64
CA TYR B 79 -17.32 -5.91 -14.66
CA TYR B 79 -17.31 -5.88 -14.66
C TYR B 79 -18.54 -5.06 -15.07
C TYR B 79 -18.53 -5.04 -15.06
N LEU B 80 -18.47 -4.44 -16.25
CA LEU B 80 -19.59 -3.65 -16.76
C LEU B 80 -20.72 -4.56 -17.28
N SER B 81 -20.47 -5.86 -17.26
CA SER B 81 -21.45 -6.87 -17.64
C SER B 81 -22.49 -7.04 -16.53
N GLN B 82 -22.04 -6.91 -15.28
CA GLN B 82 -22.93 -7.03 -14.12
C GLN B 82 -23.57 -5.68 -13.71
N ASN B 83 -22.78 -4.61 -13.75
CA ASN B 83 -23.26 -3.24 -13.50
C ASN B 83 -23.99 -3.04 -12.17
N ASN B 84 -23.27 -3.36 -11.11
CA ASN B 84 -23.51 -2.75 -9.84
C ASN B 84 -22.53 -1.58 -9.78
N LEU B 85 -21.71 -1.48 -10.83
CA LEU B 85 -20.69 -0.44 -10.90
C LEU B 85 -20.88 0.62 -11.95
N CYS B 86 -20.31 1.77 -11.63
CA CYS B 86 -20.43 2.98 -12.41
C CYS B 86 -19.04 3.62 -12.54
N ILE B 87 -18.62 3.87 -13.78
CA ILE B 87 -17.52 4.75 -14.07
C ILE B 87 -17.93 6.19 -13.78
N ALA B 88 -17.49 6.70 -12.64
CA ALA B 88 -17.86 8.03 -12.15
C ALA B 88 -16.93 9.10 -12.68
N LEU B 89 -15.65 8.74 -12.78
CA LEU B 89 -14.61 9.62 -13.28
C LEU B 89 -13.77 8.85 -14.25
N GLU B 90 -13.59 9.44 -15.43
CA GLU B 90 -12.61 8.98 -16.38
C GLU B 90 -11.56 10.06 -16.53
N LEU B 91 -10.30 9.68 -16.39
CA LEU B 91 -9.29 10.71 -16.34
C LEU B 91 -8.53 10.85 -17.64
N GLY B 92 -8.82 9.97 -18.60
CA GLY B 92 -8.24 10.06 -19.93
C GLY B 92 -6.84 9.45 -20.06
N PRO B 93 -6.32 9.35 -21.29
CA PRO B 93 -5.10 8.61 -21.62
C PRO B 93 -3.89 8.89 -20.73
N HIS B 94 -3.14 7.82 -20.48
CA HIS B 94 -1.83 7.88 -19.83
C HIS B 94 -1.89 8.56 -18.50
N THR B 95 -3.01 8.34 -17.80
CA THR B 95 -3.17 8.77 -16.43
C THR B 95 -3.02 7.60 -15.47
N TYR B 96 -3.02 6.38 -16.02
CA TYR B 96 -2.85 5.13 -15.26
C TYR B 96 -1.48 4.55 -15.50
N VAL B 97 -1.10 4.49 -16.77
CA VAL B 97 0.21 4.02 -17.21
C VAL B 97 0.52 4.69 -18.55
N GLY B 98 1.81 4.69 -18.94
CA GLY B 98 2.23 5.34 -20.19
C GLY B 98 2.02 4.48 -21.43
N GLU B 99 2.39 5.05 -22.57
CA GLU B 99 2.41 4.33 -23.83
C GLU B 99 3.29 3.05 -23.80
N HIS B 100 2.85 2.06 -24.54
CA HIS B 100 3.60 0.83 -24.73
C HIS B 100 3.94 0.63 -26.20
N GLN B 101 5.04 -0.07 -26.46
N GLN B 101 5.05 -0.08 -26.43
CA GLN B 101 5.53 -0.29 -27.81
CA GLN B 101 5.55 -0.34 -27.77
C GLN B 101 5.91 -1.76 -28.00
C GLN B 101 5.81 -1.82 -27.98
N LEU B 102 5.74 -2.26 -29.22
CA LEU B 102 6.24 -3.59 -29.57
C LEU B 102 7.65 -3.42 -30.09
N ILE B 103 8.64 -4.04 -29.43
CA ILE B 103 9.98 -4.00 -29.97
C ILE B 103 10.38 -5.38 -30.48
N CYS B 104 10.81 -5.42 -31.74
CA CYS B 104 11.21 -6.65 -32.38
C CYS B 104 12.17 -6.32 -33.48
N ARG B 105 13.02 -7.30 -33.84
CA ARG B 105 14.01 -7.13 -34.92
C ARG B 105 13.43 -6.52 -36.20
N LYS B 106 14.15 -5.55 -36.75
CA LYS B 106 13.75 -4.82 -37.96
C LYS B 106 13.09 -5.72 -39.04
N GLY B 107 11.84 -5.42 -39.36
CA GLY B 107 11.07 -6.11 -40.40
C GLY B 107 10.54 -7.47 -40.01
N GLU B 108 10.79 -7.88 -38.76
CA GLU B 108 10.50 -9.25 -38.32
C GLU B 108 9.15 -9.43 -37.61
N SER B 109 8.43 -8.32 -37.42
CA SER B 109 7.12 -8.33 -36.78
C SER B 109 6.18 -9.40 -37.34
N GLY B 110 6.30 -9.63 -38.65
CA GLY B 110 5.53 -10.65 -39.34
C GLY B 110 5.67 -12.04 -38.75
N ASN B 111 6.91 -12.48 -38.50
CA ASN B 111 7.13 -13.85 -38.02
C ASN B 111 7.64 -14.00 -36.57
N VAL B 112 6.95 -13.33 -35.64
CA VAL B 112 7.30 -13.35 -34.22
C VAL B 112 6.75 -14.62 -33.58
N LYS B 113 7.65 -15.42 -33.00
CA LYS B 113 7.27 -16.70 -32.40
C LYS B 113 7.53 -16.78 -30.89
N ARG B 114 8.58 -16.07 -30.45
CA ARG B 114 9.04 -16.06 -29.05
C ARG B 114 8.94 -14.63 -28.50
N VAL B 115 8.22 -14.45 -27.40
CA VAL B 115 8.12 -13.14 -26.78
C VAL B 115 8.69 -13.14 -25.37
N GLY B 116 9.58 -12.20 -25.07
CA GLY B 116 10.03 -11.98 -23.69
C GLY B 116 8.92 -11.37 -22.84
N LEU B 117 8.70 -11.94 -21.65
CA LEU B 117 7.77 -11.36 -20.71
C LEU B 117 8.32 -11.53 -19.30
N ASP B 118 8.40 -10.41 -18.59
CA ASP B 118 8.80 -10.42 -17.19
C ASP B 118 7.63 -10.89 -16.34
N SER B 119 7.79 -12.05 -15.71
CA SER B 119 6.75 -12.62 -14.83
C SER B 119 6.41 -11.72 -13.63
N ARG B 120 7.35 -10.85 -13.23
CA ARG B 120 7.10 -9.90 -12.14
C ARG B 120 6.30 -8.63 -12.52
N SER B 121 5.81 -8.55 -13.77
CA SER B 121 5.11 -7.34 -14.25
C SER B 121 3.68 -7.56 -14.73
N ALA B 122 2.74 -7.05 -13.96
CA ALA B 122 1.33 -7.22 -14.25
C ALA B 122 0.91 -6.40 -15.47
N ASP B 123 1.40 -5.17 -15.57
N ASP B 123 1.42 -5.17 -15.51
CA ASP B 123 1.03 -4.34 -16.71
CA ASP B 123 1.23 -4.25 -16.62
C ASP B 123 1.69 -4.77 -18.04
C ASP B 123 1.63 -4.94 -17.92
N GLN B 124 2.89 -5.38 -17.98
CA GLN B 124 3.49 -5.99 -19.19
C GLN B 124 2.72 -7.22 -19.61
N LYS B 125 2.26 -8.01 -18.64
CA LYS B 125 1.40 -9.18 -18.93
C LYS B 125 0.08 -8.80 -19.62
N ILE B 126 -0.57 -7.74 -19.14
CA ILE B 126 -1.83 -7.25 -19.71
C ILE B 126 -1.67 -6.80 -21.18
N MSE B 127 -0.61 -6.04 -21.45
CA MSE B 127 -0.32 -5.57 -22.82
C MSE B 127 0.06 -6.72 -23.76
O MSE B 127 -0.36 -6.74 -24.91
CB MSE B 127 0.80 -4.51 -22.82
CG MSE B 127 0.51 -3.25 -22.02
SE MSE B 127 -1.21 -2.40 -22.47
CE MSE B 127 -0.57 -0.88 -23.52
N THR B 128 0.88 -7.66 -23.26
CA THR B 128 1.23 -8.87 -24.02
C THR B 128 0.00 -9.71 -24.32
N ASP B 129 -0.88 -9.85 -23.32
CA ASP B 129 -2.14 -10.56 -23.51
C ASP B 129 -3.04 -9.94 -24.59
N VAL B 130 -3.32 -8.63 -24.49
CA VAL B 130 -4.04 -7.90 -25.54
C VAL B 130 -3.43 -8.07 -26.94
N PHE B 131 -2.12 -7.88 -27.08
CA PHE B 131 -1.49 -7.97 -28.40
C PHE B 131 -1.62 -9.37 -29.02
N PHE B 132 -1.30 -10.41 -28.24
CA PHE B 132 -1.18 -11.77 -28.78
C PHE B 132 -2.44 -12.65 -28.64
N GLY B 133 -3.11 -12.58 -27.48
CA GLY B 133 -4.41 -13.23 -27.29
C GLY B 133 -4.35 -14.74 -27.18
N ASP B 136 -0.87 -18.64 -29.96
CA ASP B 136 0.26 -19.59 -29.94
C ASP B 136 1.64 -18.92 -30.12
N VAL B 137 1.93 -17.97 -29.24
CA VAL B 137 3.27 -17.39 -29.14
C VAL B 137 3.95 -17.96 -27.88
N GLU B 138 5.27 -18.08 -27.91
CA GLU B 138 6.00 -18.53 -26.73
C GLU B 138 6.38 -17.34 -25.84
N ARG B 139 6.05 -17.43 -24.55
CA ARG B 139 6.47 -16.45 -23.54
C ARG B 139 7.70 -16.93 -22.80
N VAL B 140 8.80 -16.20 -22.94
CA VAL B 140 10.02 -16.50 -22.17
C VAL B 140 10.04 -15.58 -20.95
N ASP B 141 10.25 -16.18 -19.76
CA ASP B 141 10.33 -15.42 -18.51
C ASP B 141 11.62 -14.64 -18.53
N LEU B 142 11.55 -13.38 -18.93
CA LEU B 142 12.72 -12.54 -18.97
C LEU B 142 12.40 -11.10 -18.58
N SER B 143 13.39 -10.47 -17.96
CA SER B 143 13.49 -9.04 -17.77
C SER B 143 13.43 -8.30 -19.14
N TYR B 144 13.05 -7.02 -19.11
CA TYR B 144 13.08 -6.18 -20.32
C TYR B 144 14.49 -6.14 -20.94
N HIS B 145 15.47 -5.87 -20.10
CA HIS B 145 16.87 -5.83 -20.51
C HIS B 145 17.30 -7.18 -21.08
N GLU B 146 16.95 -8.26 -20.38
CA GLU B 146 17.29 -9.62 -20.81
C GLU B 146 16.66 -9.92 -22.19
N SER B 147 15.44 -9.45 -22.38
CA SER B 147 14.71 -9.61 -23.63
C SER B 147 15.42 -8.87 -24.75
N LEU B 148 15.82 -7.63 -24.49
CA LEU B 148 16.55 -6.85 -25.48
C LEU B 148 17.77 -7.61 -25.98
N GLN B 149 18.60 -8.10 -25.06
CA GLN B 149 19.85 -8.76 -25.44
C GLN B 149 19.58 -10.01 -26.28
N ARG B 150 18.50 -10.69 -25.92
CA ARG B 150 18.15 -11.98 -26.47
C ARG B 150 17.40 -11.80 -27.78
N ILE B 151 16.80 -10.63 -27.96
CA ILE B 151 16.17 -10.28 -29.23
C ILE B 151 17.29 -10.14 -30.24
N VAL B 152 18.29 -9.34 -29.88
CA VAL B 152 19.51 -9.14 -30.67
C VAL B 152 20.28 -10.45 -30.98
N LYS B 153 20.33 -11.37 -30.00
CA LYS B 153 20.97 -12.67 -30.20
C LYS B 153 20.22 -13.55 -31.20
N GLY B 154 18.91 -13.37 -31.27
CA GLY B 154 18.05 -14.19 -32.13
C GLY B 154 17.16 -15.18 -31.40
N ASP B 155 17.44 -15.40 -30.11
N ASP B 155 17.43 -15.40 -30.11
CA ASP B 155 16.69 -16.35 -29.30
CA ASP B 155 16.69 -16.36 -29.28
C ASP B 155 15.21 -15.94 -29.21
C ASP B 155 15.22 -15.97 -29.11
N VAL B 156 14.99 -14.70 -28.82
CA VAL B 156 13.63 -14.17 -28.67
C VAL B 156 13.35 -13.21 -29.81
N ASP B 157 12.08 -13.05 -30.15
CA ASP B 157 11.69 -12.26 -31.30
C ASP B 157 11.14 -10.89 -30.88
N ALA B 158 10.30 -10.87 -29.86
CA ALA B 158 9.65 -9.64 -29.41
C ALA B 158 9.66 -9.44 -27.89
N VAL B 159 9.38 -8.20 -27.50
CA VAL B 159 9.09 -7.81 -26.12
C VAL B 159 8.25 -6.55 -26.18
N ILE B 160 7.22 -6.48 -25.35
CA ILE B 160 6.43 -5.27 -25.26
C ILE B 160 6.88 -4.53 -24.01
N TRP B 161 7.07 -3.22 -24.14
CA TRP B 161 7.42 -2.39 -22.99
C TRP B 161 7.06 -0.91 -23.11
N ASN B 162 7.26 -0.21 -22.01
CA ASN B 162 7.06 1.22 -21.92
C ASN B 162 7.96 2.07 -22.83
N VAL B 163 7.51 3.30 -23.06
CA VAL B 163 8.33 4.45 -23.48
C VAL B 163 9.02 4.27 -24.83
N ASN B 167 13.93 4.90 -26.23
CA ASN B 167 14.64 6.03 -26.81
C ASN B 167 15.54 5.68 -27.99
N GLU B 168 16.81 5.38 -27.73
CA GLU B 168 17.78 5.10 -28.78
C GLU B 168 18.06 3.61 -28.94
N LEU B 169 17.00 2.81 -28.95
CA LEU B 169 17.11 1.40 -29.36
C LEU B 169 17.28 1.35 -30.88
N THR B 170 16.89 2.45 -31.53
CA THR B 170 16.98 2.62 -32.98
C THR B 170 18.32 2.10 -33.54
N MSE B 171 19.40 2.46 -32.84
CA MSE B 171 20.74 2.17 -33.30
C MSE B 171 21.10 0.69 -33.34
O MSE B 171 22.07 0.30 -34.01
CB MSE B 171 21.76 2.96 -32.45
CG MSE B 171 21.91 4.43 -32.88
SE MSE B 171 22.26 4.69 -34.80
CE MSE B 171 20.43 5.03 -35.45
N LEU B 172 20.30 -0.12 -32.66
CA LEU B 172 20.57 -1.53 -32.45
C LEU B 172 19.91 -2.42 -33.50
N GLY B 173 18.99 -1.84 -34.28
CA GLY B 173 18.35 -2.57 -35.38
C GLY B 173 17.10 -3.29 -34.96
N LEU B 174 16.32 -2.61 -34.12
CA LEU B 174 15.04 -3.11 -33.66
C LEU B 174 13.99 -2.08 -34.04
N GLU B 175 12.86 -2.56 -34.55
CA GLU B 175 11.74 -1.69 -34.87
C GLU B 175 10.76 -1.59 -33.68
N ALA B 176 10.52 -0.36 -33.25
CA ALA B 176 9.70 -0.04 -32.10
C ALA B 176 8.44 0.70 -32.53
N THR B 177 7.36 -0.04 -32.76
CA THR B 177 6.09 0.55 -33.18
C THR B 177 5.06 0.63 -32.04
N PRO B 178 4.72 1.86 -31.58
CA PRO B 178 3.63 2.08 -30.62
C PRO B 178 2.34 1.31 -30.92
N LEU B 179 1.76 0.76 -29.85
CA LEU B 179 0.52 -0.02 -29.93
C LEU B 179 -0.67 0.93 -29.84
N THR B 180 -1.42 1.03 -30.94
CA THR B 180 -2.53 1.98 -31.08
C THR B 180 -3.76 1.38 -31.77
N ASP B 181 -3.51 0.48 -32.72
CA ASP B 181 -4.58 -0.14 -33.52
C ASP B 181 -5.78 -0.58 -32.67
N ASP B 182 -5.52 -1.49 -31.73
CA ASP B 182 -6.52 -2.01 -30.79
C ASP B 182 -6.87 -0.93 -29.74
N PRO B 183 -8.18 -0.61 -29.62
CA PRO B 183 -8.72 0.37 -28.67
C PRO B 183 -8.42 0.05 -27.20
N ARG B 184 -8.30 -1.24 -26.87
CA ARG B 184 -7.98 -1.67 -25.51
C ARG B 184 -6.63 -1.18 -25.00
N PHE B 185 -5.67 -0.99 -25.90
CA PHE B 185 -4.35 -0.50 -25.51
C PHE B 185 -4.45 0.87 -24.84
N LEU B 186 -5.15 1.80 -25.48
CA LEU B 186 -5.36 3.13 -24.93
C LEU B 186 -6.05 3.07 -23.56
N GLN B 187 -7.03 2.19 -23.44
CA GLN B 187 -7.81 2.03 -22.23
C GLN B 187 -6.98 1.61 -21.01
N ALA B 188 -5.98 0.78 -21.25
CA ALA B 188 -5.08 0.28 -20.22
C ALA B 188 -4.25 1.40 -19.62
N THR B 189 -4.19 2.53 -20.34
CA THR B 189 -3.48 3.73 -19.90
C THR B 189 -4.38 4.72 -19.19
N GLU B 190 -5.69 4.49 -19.26
N GLU B 190 -5.70 4.46 -19.21
CA GLU B 190 -6.66 5.40 -18.64
CA GLU B 190 -6.71 5.38 -18.67
C GLU B 190 -7.01 4.97 -17.23
C GLU B 190 -7.11 5.00 -17.25
N ALA B 191 -6.80 5.89 -16.30
CA ALA B 191 -7.18 5.71 -14.91
C ALA B 191 -8.64 6.13 -14.78
N VAL B 192 -9.37 5.41 -13.95
CA VAL B 192 -10.82 5.51 -13.87
C VAL B 192 -11.17 5.31 -12.41
N VAL B 193 -12.22 6.01 -11.94
CA VAL B 193 -12.70 5.91 -10.58
C VAL B 193 -14.08 5.33 -10.67
N LEU B 194 -14.27 4.28 -9.86
CA LEU B 194 -15.46 3.47 -9.87
C LEU B 194 -16.24 3.64 -8.61
N THR B 195 -17.56 3.66 -8.75
CA THR B 195 -18.42 3.63 -7.60
C THR B 195 -19.42 2.54 -7.82
N ARG B 196 -20.13 2.18 -6.76
CA ARG B 196 -21.32 1.38 -6.87
C ARG B 196 -22.39 2.22 -7.58
N VAL B 197 -23.10 1.59 -8.50
CA VAL B 197 -24.13 2.28 -9.27
C VAL B 197 -25.29 2.80 -8.42
N ASP B 198 -25.55 2.16 -7.29
CA ASP B 198 -26.61 2.64 -6.41
C ASP B 198 -26.10 3.53 -5.28
N ASP B 199 -24.77 3.70 -5.19
CA ASP B 199 -24.17 4.72 -4.32
C ASP B 199 -24.20 6.10 -5.00
N TYR B 200 -25.42 6.56 -5.28
CA TYR B 200 -25.69 7.80 -5.99
C TYR B 200 -24.94 9.04 -5.43
N PRO B 201 -25.06 9.28 -4.08
CA PRO B 201 -24.35 10.43 -3.48
C PRO B 201 -22.81 10.45 -3.66
N MSE B 202 -22.19 9.29 -3.82
CA MSE B 202 -20.76 9.24 -4.04
C MSE B 202 -20.49 9.83 -5.41
O MSE B 202 -19.67 10.75 -5.56
CB MSE B 202 -20.21 7.81 -3.89
CG MSE B 202 -18.70 7.71 -3.62
SE MSE B 202 -18.04 8.76 -2.08
CE MSE B 202 -17.40 10.33 -3.05
N GLN B 203 -21.23 9.32 -6.41
CA GLN B 203 -21.23 9.88 -7.77
C GLN B 203 -21.45 11.40 -7.78
N GLN B 204 -22.42 11.87 -6.97
N GLN B 204 -22.42 11.89 -6.98
CA GLN B 204 -22.71 13.29 -6.79
CA GLN B 204 -22.68 13.32 -6.86
C GLN B 204 -21.49 14.02 -6.24
C GLN B 204 -21.44 14.02 -6.27
N LEU B 205 -20.93 13.48 -5.14
CA LEU B 205 -19.81 14.11 -4.42
C LEU B 205 -18.48 14.16 -5.19
N LEU B 206 -18.24 13.08 -5.99
CA LEU B 206 -17.08 13.04 -6.89
C LEU B 206 -17.24 14.08 -7.98
N ARG B 207 -18.36 13.99 -8.70
CA ARG B 207 -18.77 14.96 -9.73
C ARG B 207 -18.50 16.39 -9.21
N ALA B 208 -18.96 16.67 -7.99
CA ALA B 208 -18.82 17.99 -7.40
C ALA B 208 -17.39 18.45 -7.11
N VAL B 209 -16.69 17.60 -6.33
CA VAL B 209 -15.42 18.05 -5.80
C VAL B 209 -14.21 18.01 -6.68
N VAL B 210 -14.27 17.19 -7.77
CA VAL B 210 -13.10 17.02 -8.69
C VAL B 210 -13.28 17.83 -9.95
N ASP B 211 -12.19 18.52 -10.31
CA ASP B 211 -12.09 18.95 -11.73
C ASP B 211 -10.78 18.38 -12.33
N LYS B 212 -10.95 17.51 -13.33
CA LYS B 212 -9.85 16.83 -13.99
C LYS B 212 -8.62 17.74 -14.27
N HIS B 213 -8.84 18.92 -14.88
CA HIS B 213 -7.74 19.81 -15.34
C HIS B 213 -6.63 20.10 -14.32
N ALA B 214 -7.16 20.32 -13.03
CA ALA B 214 -6.20 20.63 -11.96
C ALA B 214 -5.49 19.34 -11.56
N LEU B 215 -6.29 18.28 -11.35
CA LEU B 215 -5.82 16.92 -10.98
C LEU B 215 -4.70 16.45 -11.90
N LEU B 216 -4.96 16.53 -13.21
CA LEU B 216 -4.01 16.09 -14.24
C LEU B 216 -2.72 16.89 -14.23
N ALA B 217 -2.84 18.18 -13.93
CA ALA B 217 -1.68 19.07 -13.89
C ALA B 217 -0.85 18.80 -12.63
N HIS B 218 -1.55 18.65 -11.50
CA HIS B 218 -0.97 18.09 -10.27
C HIS B 218 -0.22 16.79 -10.52
N GLN B 219 -0.85 15.85 -11.22
CA GLN B 219 -0.22 14.57 -11.55
C GLN B 219 1.05 14.81 -12.35
N GLN B 220 0.94 15.63 -13.38
CA GLN B 220 2.09 16.02 -14.18
C GLN B 220 3.16 16.70 -13.35
N ARG B 221 2.75 17.56 -12.42
CA ARG B 221 3.69 18.17 -11.48
C ARG B 221 4.40 17.15 -10.60
N VAL B 222 3.76 16.00 -10.36
CA VAL B 222 4.39 14.89 -9.60
C VAL B 222 5.28 14.02 -10.50
N VAL B 223 4.79 13.68 -11.69
CA VAL B 223 5.63 12.95 -12.65
C VAL B 223 6.89 13.74 -13.01
N SER B 224 6.72 15.00 -13.42
CA SER B 224 7.86 15.85 -13.76
C SER B 224 8.77 16.01 -12.55
N GLY B 225 8.20 15.89 -11.36
CA GLY B 225 8.98 16.01 -10.13
C GLY B 225 9.00 17.42 -9.57
N GLU B 226 8.26 18.33 -10.21
CA GLU B 226 8.13 19.72 -9.73
C GLU B 226 7.57 19.78 -8.29
N GLN B 227 6.75 18.80 -7.92
CA GLN B 227 6.27 18.70 -6.55
C GLN B 227 6.16 17.27 -5.99
N GLU B 228 6.35 17.17 -4.68
CA GLU B 228 6.27 15.89 -3.96
C GLU B 228 4.81 15.52 -3.66
N PRO B 229 4.44 14.27 -3.95
CA PRO B 229 3.08 13.77 -3.75
C PRO B 229 2.69 13.66 -2.28
N SER B 230 1.39 13.74 -2.03
CA SER B 230 0.82 13.56 -0.71
C SER B 230 -0.48 12.74 -0.83
N TYR B 231 -0.46 11.51 -0.32
CA TYR B 231 -1.62 10.60 -0.40
C TYR B 231 -1.70 9.63 0.81
S SO4 C . 0.74 3.52 10.27
O1 SO4 C . 0.43 4.92 10.57
O2 SO4 C . 0.10 2.61 11.24
O3 SO4 C . 0.26 3.18 8.93
O4 SO4 C . 2.19 3.39 10.29
S SO4 D . 4.38 -21.35 6.96
O1 SO4 D . 3.78 -20.96 8.24
O2 SO4 D . 3.39 -21.44 5.88
O3 SO4 D . 5.45 -20.41 6.59
O4 SO4 D . 4.99 -22.68 7.09
S SO4 E . -17.70 1.68 20.29
O1 SO4 E . -17.51 2.00 21.72
O2 SO4 E . -19.07 1.15 20.14
O3 SO4 E . -17.41 2.85 19.47
O4 SO4 E . -16.73 0.71 19.80
S SO4 F . -2.95 -3.93 -9.64
O1 SO4 F . -4.06 -3.09 -10.08
O2 SO4 F . -3.24 -5.35 -9.92
O3 SO4 F . -1.71 -3.55 -10.35
O4 SO4 F . -2.78 -3.76 -8.19
#